data_2M12
#
_entry.id   2M12
#
_entity_poly.entity_id   1
_entity_poly.type   'polyribonucleotide'
_entity_poly.pdbx_seq_one_letter_code
;GGGUGUAUUGGAAAUGAGCACCC
;
_entity_poly.pdbx_strand_id   A
#
loop_
_chem_comp.id
_chem_comp.type
_chem_comp.name
_chem_comp.formula
A RNA linking ADENOSINE-5'-MONOPHOSPHATE 'C10 H14 N5 O7 P'
C RNA linking CYTIDINE-5'-MONOPHOSPHATE 'C9 H14 N3 O8 P'
G RNA linking GUANOSINE-5'-MONOPHOSPHATE 'C10 H14 N5 O8 P'
U RNA linking URIDINE-5'-MONOPHOSPHATE 'C9 H13 N2 O9 P'
#